data_1BFZ
#
_entry.id   1BFZ
#
_cell.length_a   1.000
_cell.length_b   1.000
_cell.length_c   1.000
_cell.angle_alpha   90.00
_cell.angle_beta   90.00
_cell.angle_gamma   90.00
#
_symmetry.space_group_name_H-M   'P 1'
#
_entity_poly.entity_id   1
_entity_poly.type   'polypeptide(L)'
_entity_poly.pdbx_seq_one_letter_code
;(ACE)SYVKA
;
_entity_poly.pdbx_strand_id   A
#
loop_
_chem_comp.id
_chem_comp.type
_chem_comp.name
_chem_comp.formula
ACE non-polymer 'ACETYL GROUP' 'C2 H4 O'
#
# COMPACT_ATOMS: atom_id res chain seq x y z
C ACE A 1 -1.66 0.90 5.42
O ACE A 1 -0.80 0.06 5.70
CH3 ACE A 1 -3.11 0.50 5.23
H1 ACE A 1 -3.21 -0.58 5.38
H2 ACE A 1 -3.76 1.02 5.94
H3 ACE A 1 -3.43 0.74 4.20
N SER A 2 -1.37 2.24 5.27
CA SER A 2 -0.02 2.85 5.37
C SER A 2 0.80 2.61 4.05
N TYR A 3 0.99 1.29 3.72
CA TYR A 3 1.60 0.86 2.46
C TYR A 3 0.58 0.93 1.26
N VAL A 4 1.08 1.30 0.02
CA VAL A 4 0.19 1.38 -1.16
C VAL A 4 0.21 -0.06 -1.81
N LYS A 5 -0.57 -1.03 -1.20
CA LYS A 5 -0.58 -2.43 -1.67
C LYS A 5 -1.63 -2.61 -2.83
N ALA A 6 -1.47 -1.78 -3.93
CA ALA A 6 -2.40 -1.85 -5.07
C ALA A 6 -1.78 -1.21 -6.31
C ACE A 1 2.34 -0.85 6.01
O ACE A 1 1.17 -0.70 5.66
CH3 ACE A 1 2.86 -2.21 6.44
H1 ACE A 1 3.21 -2.18 7.49
H2 ACE A 1 2.04 -2.95 6.36
H3 ACE A 1 3.69 -2.53 5.80
N SER A 2 3.24 0.19 6.03
CA SER A 2 2.83 1.61 5.86
C SER A 2 2.74 1.98 4.32
N TYR A 3 1.93 1.17 3.53
CA TYR A 3 2.07 1.18 2.06
C TYR A 3 0.71 1.09 1.28
N VAL A 4 0.68 1.61 -0.01
CA VAL A 4 -0.45 1.34 -0.89
C VAL A 4 -0.32 -0.15 -1.43
N LYS A 5 -1.36 -1.03 -1.18
CA LYS A 5 -1.26 -2.46 -1.55
C LYS A 5 -1.72 -2.62 -3.06
N ALA A 6 -0.94 -1.98 -4.01
CA ALA A 6 -1.31 -2.05 -5.43
C ALA A 6 -0.11 -1.68 -6.31
C ACE A 1 -1.47 0.77 5.63
O ACE A 1 -0.44 0.17 5.94
CH3 ACE A 1 -2.81 0.05 5.58
H1 ACE A 1 -3.21 0.07 4.56
H2 ACE A 1 -2.67 -0.99 5.88
H3 ACE A 1 -3.53 0.52 6.26
N SER A 2 -1.47 2.11 5.30
CA SER A 2 -0.28 2.99 5.24
C SER A 2 0.51 2.76 3.90
N TYR A 3 0.92 1.47 3.68
CA TYR A 3 1.62 1.05 2.46
C TYR A 3 0.61 0.90 1.26
N VAL A 4 1.05 1.29 0.01
CA VAL A 4 0.18 1.27 -1.18
C VAL A 4 0.25 -0.16 -1.80
N LYS A 5 -0.52 -1.12 -1.17
CA LYS A 5 -0.61 -2.51 -1.65
C LYS A 5 -1.66 -2.57 -2.83
N ALA A 6 -1.48 -1.68 -3.88
CA ALA A 6 -2.40 -1.66 -5.02
C ALA A 6 -1.77 -0.93 -6.21
C ACE A 1 0.57 0.12 6.26
O ACE A 1 1.37 -0.63 5.74
CH3 ACE A 1 -0.73 -0.40 6.85
H1 ACE A 1 -1.59 0.01 6.30
H2 ACE A 1 -0.74 -1.50 6.75
H3 ACE A 1 -0.82 -0.15 7.91
N SER A 2 0.76 1.49 6.35
CA SER A 2 1.96 2.23 5.91
C SER A 2 2.01 2.41 4.36
N TYR A 3 1.83 1.28 3.61
CA TYR A 3 2.04 1.21 2.15
C TYR A 3 0.70 1.11 1.33
N VAL A 4 0.74 1.52 0.00
CA VAL A 4 -0.40 1.28 -0.89
C VAL A 4 -0.25 -0.18 -1.48
N LYS A 5 -1.21 -1.13 -1.16
CA LYS A 5 -1.11 -2.52 -1.62
C LYS A 5 -1.72 -2.62 -3.07
N ALA A 6 -1.01 -1.98 -4.08
CA ALA A 6 -1.49 -2.02 -5.46
C ALA A 6 -0.35 -1.67 -6.44
C ACE A 1 -0.96 1.58 5.98
O ACE A 1 0.05 0.96 6.29
CH3 ACE A 1 -2.34 0.96 6.17
H1 ACE A 1 -2.87 0.88 5.21
H2 ACE A 1 -2.23 -0.04 6.61
H3 ACE A 1 -2.95 1.58 6.86
N SER A 2 -0.93 2.85 5.45
CA SER A 2 0.30 3.62 5.12
C SER A 2 0.92 3.14 3.77
N TYR A 3 1.23 1.80 3.70
CA TYR A 3 1.76 1.17 2.50
C TYR A 3 0.64 0.96 1.41
N VAL A 4 1.02 1.13 0.09
CA VAL A 4 0.01 1.14 -1.01
C VAL A 4 0.11 -0.26 -1.71
N LYS A 5 -0.63 -1.31 -1.19
CA LYS A 5 -0.65 -2.64 -1.81
C LYS A 5 -1.69 -2.59 -3.01
N ALA A 6 -1.34 -1.85 -4.12
CA ALA A 6 -2.26 -1.70 -5.24
C ALA A 6 -1.52 -1.21 -6.49
C ACE A 1 -1.75 0.51 5.51
O ACE A 1 -1.17 -0.54 5.28
CH3 ACE A 1 -3.26 0.63 5.39
H1 ACE A 1 -3.52 1.30 4.55
H2 ACE A 1 -3.68 -0.36 5.20
H3 ACE A 1 -3.70 1.02 6.31
N SER A 2 -1.08 1.66 5.87
CA SER A 2 0.40 1.79 6.03
C SER A 2 1.14 1.91 4.65
N TYR A 3 0.82 0.95 3.72
CA TYR A 3 1.50 0.77 2.43
C TYR A 3 0.53 0.95 1.20
N VAL A 4 1.10 1.37 0.01
CA VAL A 4 0.31 1.45 -1.23
C VAL A 4 0.31 0.02 -1.88
N LYS A 5 -0.45 -0.95 -1.24
CA LYS A 5 -0.48 -2.37 -1.65
C LYS A 5 -1.60 -2.61 -2.74
N ALA A 6 -1.62 -1.73 -3.81
CA ALA A 6 -2.58 -1.88 -4.89
C ALA A 6 -2.14 -1.12 -6.14
C ACE A 1 0.15 1.44 6.28
O ACE A 1 0.75 0.41 6.01
CH3 ACE A 1 -1.31 1.43 6.71
H1 ACE A 1 -1.92 1.97 5.98
H2 ACE A 1 -1.66 0.38 6.75
H3 ACE A 1 -1.43 1.88 7.70
N SER A 2 0.76 2.68 6.22
CA SER A 2 2.16 2.94 5.81
C SER A 2 2.36 2.84 4.28
N TYR A 3 1.86 1.71 3.67
CA TYR A 3 2.08 1.34 2.26
C TYR A 3 0.75 1.11 1.46
N VAL A 4 0.81 1.29 0.08
CA VAL A 4 -0.37 1.11 -0.79
C VAL A 4 -0.24 -0.30 -1.49
N LYS A 5 -1.19 -1.27 -1.20
CA LYS A 5 -1.11 -2.65 -1.74
C LYS A 5 -1.75 -2.64 -3.19
N ALA A 6 -1.05 -1.97 -4.18
CA ALA A 6 -1.56 -1.90 -5.55
C ALA A 6 -0.45 -1.63 -6.61
C ACE A 1 0.12 1.02 6.34
O ACE A 1 0.73 0.00 6.04
CH3 ACE A 1 -1.34 0.95 6.76
H1 ACE A 1 -1.50 1.41 7.74
H2 ACE A 1 -1.98 1.46 6.02
H3 ACE A 1 -1.66 -0.10 6.81
N SER A 2 0.69 2.27 6.31
CA SER A 2 2.08 2.58 5.91
C SER A 2 2.27 2.58 4.36
N TYR A 3 1.79 1.47 3.70
CA TYR A 3 2.01 1.18 2.27
C TYR A 3 0.69 1.13 1.43
N VAL A 4 0.82 1.35 0.06
CA VAL A 4 -0.31 1.20 -0.87
C VAL A 4 -0.17 -0.22 -1.56
N LYS A 5 -1.10 -1.20 -1.21
CA LYS A 5 -1.00 -2.59 -1.71
C LYS A 5 -1.72 -2.65 -3.11
N ALA A 6 -1.11 -1.96 -4.16
CA ALA A 6 -1.70 -1.94 -5.49
C ALA A 6 -0.67 -1.59 -6.60
C ACE A 1 -0.05 -1.44 5.26
O ACE A 1 1.11 -1.79 5.02
CH3 ACE A 1 -1.21 -2.40 5.07
H1 ACE A 1 -1.90 -2.01 4.31
H2 ACE A 1 -0.82 -3.37 4.72
H3 ACE A 1 -1.76 -2.56 6.01
N SER A 2 -0.36 -0.19 5.72
CA SER A 2 0.60 0.93 5.92
C SER A 2 0.98 1.60 4.56
N TYR A 3 1.48 0.75 3.60
CA TYR A 3 1.82 1.15 2.24
C TYR A 3 0.63 1.04 1.21
N VAL A 4 0.83 1.63 -0.03
CA VAL A 4 -0.20 1.47 -1.08
C VAL A 4 -0.08 -0.01 -1.64
N LYS A 5 -0.99 -0.94 -1.14
CA LYS A 5 -0.90 -2.38 -1.49
C LYS A 5 -1.66 -2.60 -2.86
N ALA A 6 -1.12 -1.99 -3.98
CA ALA A 6 -1.75 -2.10 -5.29
C ALA A 6 -0.76 -1.85 -6.47
C ACE A 1 -3.23 0.36 5.16
O ACE A 1 -2.99 -0.81 5.40
CH3 ACE A 1 -4.59 0.78 4.63
H1 ACE A 1 -4.49 1.26 3.64
H2 ACE A 1 -5.22 -0.11 4.53
H3 ACE A 1 -5.08 1.48 5.33
N SER A 2 -2.32 1.38 5.35
CA SER A 2 -0.85 1.25 5.66
C SER A 2 -0.07 1.64 4.35
N TYR A 3 0.57 0.62 3.65
CA TYR A 3 1.35 0.86 2.43
C TYR A 3 0.48 0.96 1.14
N VAL A 4 1.12 1.41 -0.02
CA VAL A 4 0.38 1.49 -1.30
C VAL A 4 0.44 0.03 -1.94
N LYS A 5 -0.27 -0.96 -1.27
CA LYS A 5 -0.31 -2.37 -1.71
C LYS A 5 -1.57 -2.58 -2.64
N ALA A 6 -1.65 -1.74 -3.75
CA ALA A 6 -2.77 -1.84 -4.67
C ALA A 6 -2.43 -1.15 -6.00
C ACE A 1 -1.05 0.05 5.64
O ACE A 1 0.02 -0.53 5.80
CH3 ACE A 1 -2.34 -0.73 5.54
H1 ACE A 1 -3.10 -0.35 6.25
H2 ACE A 1 -2.74 -0.67 4.52
H3 ACE A 1 -2.16 -1.78 5.77
N SER A 2 -1.15 1.41 5.55
CA SER A 2 -0.01 2.37 5.56
C SER A 2 0.71 2.41 4.16
N TYR A 3 1.18 1.21 3.70
CA TYR A 3 1.74 1.03 2.37
C TYR A 3 0.64 0.93 1.26
N VAL A 4 0.96 1.43 0.00
CA VAL A 4 -0.02 1.41 -1.10
C VAL A 4 0.06 -0.04 -1.72
N LYS A 5 -0.76 -1.01 -1.17
CA LYS A 5 -0.72 -2.42 -1.60
C LYS A 5 -1.65 -2.58 -2.85
N ALA A 6 -1.26 -1.94 -4.02
CA ALA A 6 -2.09 -1.98 -5.22
C ALA A 6 -1.28 -1.60 -6.46
C ACE A 1 -1.90 1.25 5.86
O ACE A 1 -1.60 0.05 5.77
CH3 ACE A 1 -3.35 1.69 5.82
H1 ACE A 1 -3.62 2.20 6.76
H2 ACE A 1 -3.54 2.36 4.98
H3 ACE A 1 -4.00 0.80 5.72
N SER A 2 -0.96 2.24 6.00
CA SER A 2 0.51 2.07 5.89
C SER A 2 0.90 2.19 4.35
N TYR A 3 1.33 1.04 3.70
CA TYR A 3 1.80 1.07 2.30
C TYR A 3 0.62 0.98 1.25
N VAL A 4 0.90 1.48 -0.01
CA VAL A 4 -0.10 1.43 -1.09
C VAL A 4 0.00 -0.03 -1.69
N LYS A 5 -0.85 -0.99 -1.15
CA LYS A 5 -0.78 -2.42 -1.55
C LYS A 5 -1.65 -2.59 -2.86
N ALA A 6 -1.18 -1.98 -4.02
CA ALA A 6 -1.95 -2.03 -5.26
C ALA A 6 -1.07 -1.69 -6.47
C ACE A 1 0.06 3.06 6.42
O ACE A 1 0.13 1.86 6.61
CH3 ACE A 1 -1.21 3.84 6.73
H1 ACE A 1 -1.02 4.60 7.50
H2 ACE A 1 -1.59 4.33 5.82
H3 ACE A 1 -1.98 3.14 7.10
N SER A 2 1.12 3.82 5.95
CA SER A 2 2.42 3.28 5.44
C SER A 2 2.31 3.14 3.87
N TYR A 3 2.24 1.86 3.34
CA TYR A 3 2.27 1.56 1.89
C TYR A 3 0.88 1.06 1.35
N VAL A 4 0.50 1.50 0.10
CA VAL A 4 -0.73 1.03 -0.53
C VAL A 4 -0.57 -0.39 -1.20
N LYS A 5 -1.71 -1.16 -1.27
CA LYS A 5 -1.67 -2.57 -1.72
C LYS A 5 -1.81 -2.57 -3.30
N ALA A 6 -0.74 -2.05 -4.00
CA ALA A 6 -0.77 -1.94 -5.46
C ALA A 6 0.64 -1.85 -6.10
C ACE A 1 -2.05 0.73 5.80
O ACE A 1 -1.67 -0.44 5.71
CH3 ACE A 1 -3.52 1.08 5.71
H1 ACE A 1 -3.86 1.57 6.64
H2 ACE A 1 -3.71 1.75 4.86
H3 ACE A 1 -4.11 0.15 5.56
N SER A 2 -1.19 1.78 6.00
CA SER A 2 0.31 1.72 5.93
C SER A 2 0.75 1.98 4.44
N TYR A 3 1.22 0.92 3.71
CA TYR A 3 1.73 1.05 2.33
C TYR A 3 0.61 0.98 1.23
N VAL A 4 0.93 1.50 -0.01
CA VAL A 4 -0.04 1.45 -1.13
C VAL A 4 0.06 0.00 -1.74
N LYS A 5 -0.77 -0.96 -1.17
CA LYS A 5 -0.71 -2.39 -1.56
C LYS A 5 -1.63 -2.59 -2.82
N ALA A 6 -1.24 -1.97 -4.00
CA ALA A 6 -2.06 -2.03 -5.19
C ALA A 6 -1.25 -1.68 -6.44
C ACE A 1 1.80 1.29 6.68
O ACE A 1 2.53 2.14 6.18
CH3 ACE A 1 0.79 1.66 7.76
H1 ACE A 1 0.89 2.74 8.00
H2 ACE A 1 -0.23 1.48 7.41
H3 ACE A 1 0.97 1.09 8.68
N SER A 2 1.81 -0.02 6.28
CA SER A 2 2.79 -0.53 5.29
C SER A 2 2.27 -0.30 3.84
N TYR A 3 1.96 1.01 3.51
CA TYR A 3 1.95 1.51 2.15
C TYR A 3 0.71 1.08 1.28
N VAL A 4 0.68 1.60 0.00
CA VAL A 4 -0.45 1.32 -0.90
C VAL A 4 -0.29 -0.16 -1.45
N LYS A 5 -1.28 -1.09 -1.11
CA LYS A 5 -1.22 -2.50 -1.55
C LYS A 5 -1.74 -2.58 -3.04
N ALA A 6 -0.90 -2.06 -4.02
CA ALA A 6 -1.27 -2.10 -5.43
C ALA A 6 -0.05 -2.03 -6.40
C ACE A 1 0.91 -1.85 5.38
O ACE A 1 1.89 -2.20 4.73
CH3 ACE A 1 -0.30 -2.76 5.53
H1 ACE A 1 -0.51 -2.95 6.59
H2 ACE A 1 -1.18 -2.31 5.06
H3 ACE A 1 -0.08 -3.72 5.03
N SER A 2 0.82 -0.61 5.98
CA SER A 2 1.86 0.45 5.94
C SER A 2 1.84 1.26 4.60
N TYR A 3 1.73 0.53 3.44
CA TYR A 3 1.92 1.09 2.09
C TYR A 3 0.63 1.07 1.19
N VAL A 4 0.72 1.71 -0.03
CA VAL A 4 -0.35 1.55 -1.03
C VAL A 4 -0.24 0.06 -1.54
N LYS A 5 -1.22 -0.85 -1.16
CA LYS A 5 -1.09 -2.30 -1.43
C LYS A 5 -1.65 -2.60 -2.87
N ALA A 6 -0.95 -2.06 -3.93
CA ALA A 6 -1.40 -2.25 -5.31
C ALA A 6 -0.25 -2.09 -6.36
C ACE A 1 -1.70 -0.23 5.35
O ACE A 1 -1.01 -1.15 4.95
CH3 ACE A 1 -3.21 -0.28 5.26
H1 ACE A 1 -3.68 -0.08 6.23
H2 ACE A 1 -3.57 0.46 4.52
H3 ACE A 1 -3.52 -1.28 4.93
N SER A 2 -1.16 0.92 5.90
CA SER A 2 0.29 1.20 6.10
C SER A 2 1.00 1.59 4.77
N TYR A 3 0.79 0.76 3.71
CA TYR A 3 1.49 0.84 2.41
C TYR A 3 0.53 0.96 1.18
N VAL A 4 1.09 1.40 -0.02
CA VAL A 4 0.28 1.49 -1.25
C VAL A 4 0.30 0.05 -1.89
N LYS A 5 -0.44 -0.92 -1.23
CA LYS A 5 -0.46 -2.34 -1.63
C LYS A 5 -1.59 -2.60 -2.69
N ALA A 6 -1.57 -1.78 -3.82
CA ALA A 6 -2.54 -1.94 -4.89
C ALA A 6 -2.05 -1.37 -6.26
C ACE A 1 -0.08 -1.50 5.19
O ACE A 1 1.09 -1.81 5.00
CH3 ACE A 1 -1.21 -2.49 4.93
H1 ACE A 1 -1.88 -2.10 4.16
H2 ACE A 1 -0.78 -3.43 4.58
H3 ACE A 1 -1.78 -2.67 5.85
N SER A 2 -0.45 -0.25 5.63
CA SER A 2 0.46 0.90 5.88
C SER A 2 0.88 1.58 4.54
N TYR A 3 1.45 0.75 3.61
CA TYR A 3 1.82 1.15 2.25
C TYR A 3 0.63 1.04 1.21
N VAL A 4 0.84 1.61 -0.04
CA VAL A 4 -0.19 1.48 -1.08
C VAL A 4 -0.07 0.00 -1.64
N LYS A 5 -0.98 -0.94 -1.15
CA LYS A 5 -0.88 -2.38 -1.50
C LYS A 5 -1.65 -2.60 -2.86
N ALA A 6 -1.10 -2.01 -3.98
CA ALA A 6 -1.77 -2.12 -5.29
C ALA A 6 -0.79 -1.80 -6.43
C ACE A 1 1.34 -0.44 6.00
O ACE A 1 2.07 -1.09 5.25
CH3 ACE A 1 0.13 -1.08 6.65
H1 ACE A 1 0.07 -2.14 6.37
H2 ACE A 1 0.20 -1.02 7.75
H3 ACE A 1 -0.80 -0.58 6.32
N SER A 2 1.56 0.89 6.28
CA SER A 2 2.70 1.70 5.80
C SER A 2 2.55 2.13 4.31
N TYR A 3 2.11 1.19 3.43
CA TYR A 3 2.14 1.34 1.95
C TYR A 3 0.75 1.09 1.26
N VAL A 4 0.57 1.67 0.01
CA VAL A 4 -0.61 1.30 -0.80
C VAL A 4 -0.43 -0.18 -1.33
N LYS A 5 -1.51 -1.04 -1.20
CA LYS A 5 -1.43 -2.47 -1.56
C LYS A 5 -1.74 -2.59 -3.10
N ALA A 6 -0.80 -2.06 -3.97
CA ALA A 6 -1.00 -2.09 -5.42
C ALA A 6 0.32 -1.97 -6.23
C ACE A 1 -1.25 -0.11 6.16
O ACE A 1 -0.80 -1.21 5.85
CH3 ACE A 1 -2.74 0.09 6.36
H1 ACE A 1 -3.26 -0.87 6.19
H2 ACE A 1 -2.96 0.42 7.39
H3 ACE A 1 -3.14 0.83 5.66
N SER A 2 -0.46 1.01 6.35
CA SER A 2 0.99 1.12 6.04
C SER A 2 1.13 1.67 4.56
N TYR A 3 1.62 0.82 3.59
CA TYR A 3 1.87 1.23 2.20
C TYR A 3 0.66 1.03 1.22
N VAL A 4 0.79 1.61 -0.04
CA VAL A 4 -0.29 1.47 -1.03
C VAL A 4 -0.19 -0.01 -1.59
N LYS A 5 -1.12 -0.95 -1.11
CA LYS A 5 -1.02 -2.38 -1.46
C LYS A 5 -1.68 -2.59 -2.89
N ALA A 6 -0.98 -2.10 -3.98
CA ALA A 6 -1.54 -2.08 -5.34
C ALA A 6 -1.33 -3.46 -6.05
C ACE A 1 -0.22 4.05 5.98
O ACE A 1 -0.21 2.95 6.52
CH3 ACE A 1 -1.49 4.90 5.96
H1 ACE A 1 -1.31 5.86 6.46
H2 ACE A 1 -1.81 5.08 4.93
H3 ACE A 1 -2.28 4.36 6.51
N SER A 2 0.89 4.61 5.38
CA SER A 2 2.20 3.93 5.13
C SER A 2 2.18 3.39 3.64
N TYR A 3 2.10 2.02 3.45
CA TYR A 3 2.22 1.38 2.12
C TYR A 3 0.81 1.10 1.48
N VAL A 4 0.68 1.33 0.11
CA VAL A 4 -0.55 1.01 -0.63
C VAL A 4 -0.40 -0.40 -1.35
N LYS A 5 -1.46 -1.28 -1.24
CA LYS A 5 -1.39 -2.67 -1.76
C LYS A 5 -1.79 -2.62 -3.30
N ALA A 6 -0.91 -1.98 -4.14
CA ALA A 6 -1.22 -1.83 -5.57
C ALA A 6 0.05 -1.50 -6.37
C ACE A 1 -2.77 1.56 5.08
O ACE A 1 -2.59 0.35 5.06
CH3 ACE A 1 -4.13 2.15 4.72
H1 ACE A 1 -4.53 2.74 5.56
H2 ACE A 1 -4.03 2.80 3.84
H3 ACE A 1 -4.82 1.34 4.50
N SER A 2 -1.79 2.45 5.45
CA SER A 2 -0.36 2.13 5.67
C SER A 2 0.38 2.20 4.28
N TYR A 3 0.82 1.00 3.73
CA TYR A 3 1.53 0.92 2.45
C TYR A 3 0.58 0.94 1.21
N VAL A 4 1.11 1.37 0.01
CA VAL A 4 0.25 1.45 -1.21
C VAL A 4 0.28 0.00 -1.85
N LYS A 5 -0.49 -0.97 -1.24
CA LYS A 5 -0.52 -2.38 -1.65
C LYS A 5 -1.63 -2.60 -2.75
N ALA A 6 -1.57 -1.76 -3.85
CA ALA A 6 -2.52 -1.89 -4.96
C ALA A 6 -1.99 -1.28 -6.29
C ACE A 1 -0.23 2.60 6.04
O ACE A 1 0.59 1.75 6.35
CH3 ACE A 1 -1.70 2.41 6.37
H1 ACE A 1 -1.84 1.47 6.93
H2 ACE A 1 -2.07 3.24 6.99
H3 ACE A 1 -2.31 2.36 5.45
N SER A 2 0.11 3.75 5.38
CA SER A 2 1.47 4.11 4.89
C SER A 2 1.82 3.35 3.57
N TYR A 3 1.72 1.99 3.63
CA TYR A 3 1.94 1.12 2.48
C TYR A 3 0.67 1.08 1.55
N VAL A 4 0.89 1.04 0.18
CA VAL A 4 -0.19 1.04 -0.83
C VAL A 4 -0.07 -0.32 -1.62
N LYS A 5 -0.90 -1.36 -1.23
CA LYS A 5 -0.86 -2.69 -1.85
C LYS A 5 -1.73 -2.67 -3.16
N ALA A 6 -1.24 -1.90 -4.21
CA ALA A 6 -1.92 -1.73 -5.48
C ALA A 6 -3.34 -1.09 -5.33
C ACE A 1 -1.22 -0.17 6.16
O ACE A 1 -0.75 -1.27 5.87
CH3 ACE A 1 -2.72 0.00 6.36
H1 ACE A 1 -3.11 0.74 5.64
H2 ACE A 1 -3.22 -0.96 6.19
H3 ACE A 1 -2.94 0.34 7.38
N SER A 2 -0.45 0.95 6.36
CA SER A 2 1.01 1.08 6.05
C SER A 2 1.15 1.64 4.57
N TYR A 3 1.63 0.80 3.59
CA TYR A 3 1.88 1.23 2.21
C TYR A 3 0.67 1.03 1.23
N VAL A 4 0.79 1.62 -0.03
CA VAL A 4 -0.28 1.47 -1.02
C VAL A 4 -0.18 -0.01 -1.58
N LYS A 5 -1.11 -0.95 -1.12
CA LYS A 5 -1.03 -2.37 -1.48
C LYS A 5 -1.69 -2.59 -2.90
N ALA A 6 -1.03 -2.04 -3.99
CA ALA A 6 -1.53 -2.18 -5.36
C ALA A 6 -1.07 -3.48 -6.08
C ACE A 1 -0.25 -0.89 5.54
O ACE A 1 0.94 -1.16 5.58
CH3 ACE A 1 -1.29 -1.97 5.35
H1 ACE A 1 -1.79 -1.84 4.38
H2 ACE A 1 -0.80 -2.95 5.37
H3 ACE A 1 -2.05 -1.94 6.15
N SER A 2 -0.71 0.41 5.65
CA SER A 2 0.12 1.63 5.75
C SER A 2 0.67 2.06 4.35
N TYR A 3 1.39 1.09 3.68
CA TYR A 3 1.83 1.23 2.29
C TYR A 3 0.68 1.00 1.25
N VAL A 4 0.88 1.52 -0.02
CA VAL A 4 -0.17 1.40 -1.05
C VAL A 4 -0.05 -0.07 -1.63
N LYS A 5 -0.94 -1.02 -1.13
CA LYS A 5 -0.90 -2.44 -1.55
C LYS A 5 -1.69 -2.59 -2.91
N ALA A 6 -1.14 -1.96 -4.02
CA ALA A 6 -1.83 -2.01 -5.31
C ALA A 6 -0.86 -1.65 -6.45
C ACE A 1 -1.57 0.19 5.61
O ACE A 1 -0.82 -0.76 5.48
CH3 ACE A 1 -3.08 0.02 5.52
H1 ACE A 1 -3.59 0.46 6.39
H2 ACE A 1 -3.46 0.51 4.61
H3 ACE A 1 -3.32 -1.05 5.47
N SER A 2 -1.12 1.48 5.86
CA SER A 2 0.30 1.88 5.97
C SER A 2 0.99 2.01 4.57
N TYR A 3 0.84 0.93 3.73
CA TYR A 3 1.52 0.78 2.43
C TYR A 3 0.55 0.92 1.20
N VAL A 4 1.08 1.37 0.01
CA VAL A 4 0.27 1.48 -1.22
C VAL A 4 0.27 0.05 -1.89
N LYS A 5 -0.46 -0.92 -1.24
CA LYS A 5 -0.46 -2.34 -1.64
C LYS A 5 -1.58 -2.59 -2.72
N ALA A 6 -1.50 -1.83 -3.88
CA ALA A 6 -2.49 -1.98 -4.95
C ALA A 6 -1.96 -1.41 -6.27
C ACE A 1 2.68 -0.42 6.10
O ACE A 1 1.50 -0.37 5.82
CH3 ACE A 1 3.33 -1.73 6.56
H1 ACE A 1 4.12 -2.03 5.86
H2 ACE A 1 3.74 -1.62 7.56
H3 ACE A 1 2.56 -2.51 6.59
N SER A 2 3.52 0.68 6.01
CA SER A 2 3.00 2.04 5.75
C SER A 2 2.85 2.30 4.20
N TYR A 3 2.09 1.39 3.49
CA TYR A 3 2.18 1.31 2.01
C TYR A 3 0.79 1.09 1.31
N VAL A 4 0.66 1.60 0.01
CA VAL A 4 -0.54 1.27 -0.78
C VAL A 4 -0.42 -0.21 -1.33
N LYS A 5 -1.55 -1.02 -1.24
CA LYS A 5 -1.54 -2.44 -1.60
C LYS A 5 -1.78 -2.62 -3.16
N ALA A 6 -0.95 -1.90 -4.00
CA ALA A 6 -1.05 -2.02 -5.45
C ALA A 6 0.25 -1.61 -6.20
C ACE A 1 -2.95 0.57 5.14
O ACE A 1 -2.63 -0.61 5.15
CH3 ACE A 1 -4.36 0.99 4.74
H1 ACE A 1 -4.33 1.64 3.86
H2 ACE A 1 -4.94 0.09 4.49
H3 ACE A 1 -4.86 1.52 5.57
N SER A 2 -2.10 1.59 5.50
CA SER A 2 -0.62 1.47 5.73
C SER A 2 0.10 1.80 4.36
N TYR A 3 0.72 0.75 3.69
CA TYR A 3 1.44 0.93 2.44
C TYR A 3 0.52 0.97 1.17
N VAL A 4 1.09 1.40 -0.02
CA VAL A 4 0.31 1.46 -1.27
C VAL A 4 0.36 0.01 -1.89
N LYS A 5 -0.37 -0.97 -1.24
CA LYS A 5 -0.41 -2.38 -1.67
C LYS A 5 -1.59 -2.58 -2.69
N ALA A 6 -1.59 -1.76 -3.81
CA ALA A 6 -2.63 -1.86 -4.82
C ALA A 6 -2.19 -1.19 -6.13
C ACE A 1 -1.15 0.10 6.25
O ACE A 1 -0.79 -1.03 5.91
CH3 ACE A 1 -2.61 0.41 6.53
H1 ACE A 1 -2.75 0.74 7.57
H2 ACE A 1 -2.97 1.19 5.84
H3 ACE A 1 -3.20 -0.51 6.36
N SER A 2 -0.26 1.14 6.43
CA SER A 2 1.18 1.14 6.07
C SER A 2 1.32 1.70 4.58
N TYR A 3 1.67 0.82 3.59
CA TYR A 3 1.91 1.23 2.19
C TYR A 3 0.67 1.06 1.24
N VAL A 4 0.78 1.64 -0.02
CA VAL A 4 -0.30 1.44 -1.01
C VAL A 4 -0.18 -0.04 -1.57
N LYS A 5 -1.12 -0.96 -1.14
CA LYS A 5 -1.05 -2.39 -1.49
C LYS A 5 -1.69 -2.60 -2.92
N ALA A 6 -1.03 -2.01 -3.99
CA ALA A 6 -1.54 -2.12 -5.35
C ALA A 6 -0.45 -1.90 -6.43
C ACE A 1 -1.24 -0.66 5.29
O ACE A 1 -0.14 -1.19 5.40
CH3 ACE A 1 -2.48 -1.48 4.98
H1 ACE A 1 -2.22 -2.55 4.97
H2 ACE A 1 -3.26 -1.32 5.73
H3 ACE A 1 -2.87 -1.21 3.98
N SER A 2 -1.42 0.69 5.43
CA SER A 2 -0.35 1.70 5.67
C SER A 2 0.42 2.02 4.35
N TYR A 3 0.99 0.94 3.73
CA TYR A 3 1.63 1.01 2.41
C TYR A 3 0.59 0.94 1.23
N VAL A 4 1.02 1.43 0.00
CA VAL A 4 0.10 1.45 -1.17
C VAL A 4 0.16 0.01 -1.82
N LYS A 5 -0.61 -0.96 -1.20
CA LYS A 5 -0.58 -2.38 -1.61
C LYS A 5 -1.63 -2.58 -2.77
N ALA A 6 -1.35 -1.93 -3.96
CA ALA A 6 -2.27 -2.00 -5.10
C ALA A 6 -1.59 -1.68 -6.45
C ACE A 1 4.83 2.78 -0.51
O ACE A 1 4.21 3.76 -0.14
CH3 ACE A 1 5.13 2.56 -1.99
H1 ACE A 1 4.68 1.62 -2.33
H2 ACE A 1 4.68 3.38 -2.56
H3 ACE A 1 6.21 2.54 -2.17
N SER A 2 5.31 1.83 0.36
CA SER A 2 5.03 1.77 1.82
C SER A 2 3.66 0.98 2.00
N TYR A 3 2.52 1.70 2.35
CA TYR A 3 1.24 1.04 2.73
C TYR A 3 0.19 0.85 1.59
N VAL A 4 0.77 1.05 0.38
CA VAL A 4 0.11 1.27 -0.91
C VAL A 4 0.10 -0.14 -1.60
N LYS A 5 -0.90 -1.02 -1.17
CA LYS A 5 -0.89 -2.44 -1.59
C LYS A 5 -1.66 -2.56 -2.97
N ALA A 6 -1.15 -1.83 -4.03
CA ALA A 6 -1.81 -1.85 -5.33
C ALA A 6 -0.87 -1.35 -6.44
C ACE A 1 -1.19 0.02 5.40
O ACE A 1 -0.14 -0.58 5.57
CH3 ACE A 1 -2.49 -0.72 5.17
H1 ACE A 1 -2.87 -0.53 4.15
H2 ACE A 1 -2.31 -1.80 5.27
H3 ACE A 1 -3.26 -0.43 5.89
N SER A 2 -1.27 1.41 5.39
CA SER A 2 -0.12 2.34 5.51
C SER A 2 0.64 2.44 4.15
N TYR A 3 1.20 1.26 3.71
CA TYR A 3 1.77 1.11 2.37
C TYR A 3 0.67 0.93 1.27
N VAL A 4 0.97 1.40 0.00
CA VAL A 4 -0.05 1.38 -1.08
C VAL A 4 0.03 -0.06 -1.71
N LYS A 5 -0.78 -1.04 -1.14
CA LYS A 5 -0.75 -2.45 -1.58
C LYS A 5 -1.67 -2.58 -2.86
N ALA A 6 -1.21 -1.99 -4.03
CA ALA A 6 -2.02 -1.93 -5.26
C ALA A 6 -1.91 -3.26 -6.07
#